data_3EEO
#
_entry.id   3EEO
#
_cell.length_a   95.479
_cell.length_b   95.479
_cell.length_c   318.353
_cell.angle_alpha   90.00
_cell.angle_beta   90.00
_cell.angle_gamma   120.00
#
_symmetry.space_group_name_H-M   'H 3 2'
#
loop_
_entity.id
_entity.type
_entity.pdbx_description
1 polymer "5'-D(P*DCP*DCP*DAP*DTP*DGP*DCP*DGP*DCP*DTP*DGP*DAP*DC)-3'"
2 polymer "5'-D(P*DGP*DTP*DCP*DAP*DGP*(PDI)P*DGP*DCP*DAP*DTP*DGP*DG)-3'"
3 polymer 'Modification methylase HhaI'
4 non-polymer S-ADENOSYLMETHIONINE
5 water water
#
loop_
_entity_poly.entity_id
_entity_poly.type
_entity_poly.pdbx_seq_one_letter_code
_entity_poly.pdbx_strand_id
1 'polydeoxyribonucleotide' (DC)(DC)(DA)(DT)(DG)(DC)(DG)(DC)(DT)(DG)(DA)(DC) C
2 'polydeoxyribonucleotide' (DG)(DT)(DC)(DA)(DG)(PDI)(DG)(DC)(DA)(DT)(DG)(DG) D
3 'polypeptide(L)'
;MIEIKDKQLTGLRFIDLFAGLGGFRLALESCGAECVYSNEWDKYAQEVYEMNFGEKPEGDITQVNEKTIPDHDILCAGFP
CQAFSISGKQKGFEDSRGTLFFDIARIVREKKPKVVFMENVKNFASHDNGNTLEVVKNTMNELDYSFHAKVLNALDYGIP
QKRERIYMICFRNDLNIQNFQFPKPFELNTFVKDLLLPDSEVEHLVIDRKDLVMTNQEIEQTTPKTVRLGIVGKGGQGER
IYSTRGIAITLSAYGGGIFAKTGGYLVNGKTRKLHPRECARVMGYPDSYKVHPSTSQAYKQFGNSVVINVLQYIAYNIGS
SLNFKPY
;
A
#
loop_
_chem_comp.id
_chem_comp.type
_chem_comp.name
_chem_comp.formula
DA DNA linking 2'-DEOXYADENOSINE-5'-MONOPHOSPHATE 'C10 H14 N5 O6 P'
DC DNA linking 2'-DEOXYCYTIDINE-5'-MONOPHOSPHATE 'C9 H14 N3 O7 P'
DG DNA linking 2'-DEOXYGUANOSINE-5'-MONOPHOSPHATE 'C10 H14 N5 O7 P'
DT DNA linking THYMIDINE-5'-MONOPHOSPHATE 'C10 H15 N2 O8 P'
PDI non-polymer 'PHOSPHORIC ACID MONO-(3-HYDROXY-PROPYL) ESTER' 'C3 H9 O5 P'
SAM non-polymer S-ADENOSYLMETHIONINE 'C15 H22 N6 O5 S'
#
# COMPACT_ATOMS: atom_id res chain seq x y z
O3P PDI B 6 -4.70 2.85 -9.82
P PDI B 6 -3.44 2.04 -9.95
O2P PDI B 6 -2.12 2.52 -9.58
OA PDI B 6 -3.49 0.67 -9.13
CA PDI B 6 -4.72 0.04 -8.77
CB PDI B 6 -4.88 -1.13 -9.71
CG PDI B 6 -6.36 -1.43 -9.89
OG PDI B 6 -6.98 -1.36 -8.59
N MET C 1 10.51 -5.69 4.16
CA MET C 1 10.62 -4.62 5.19
C MET C 1 12.04 -4.59 5.71
N ILE C 2 12.36 -3.45 6.29
CA ILE C 2 13.73 -3.11 6.64
C ILE C 2 13.85 -3.11 8.17
N GLU C 3 15.08 -3.29 8.70
CA GLU C 3 15.32 -3.14 10.14
C GLU C 3 15.33 -1.67 10.55
N ILE C 4 14.74 -1.33 11.69
CA ILE C 4 14.79 0.04 12.19
C ILE C 4 15.50 0.03 13.53
N LYS C 5 16.69 0.58 13.56
CA LYS C 5 17.48 0.56 14.80
C LYS C 5 16.97 1.58 15.81
N ASP C 6 16.76 2.80 15.36
CA ASP C 6 16.37 3.88 16.23
C ASP C 6 14.84 4.06 16.25
N LYS C 7 14.20 3.69 17.36
CA LYS C 7 12.75 3.56 17.40
C LYS C 7 12.10 4.91 17.63
N GLN C 8 12.05 5.70 16.56
CA GLN C 8 11.52 7.08 16.58
C GLN C 8 10.10 7.31 17.14
N LEU C 9 9.22 6.29 17.06
CA LEU C 9 7.83 6.42 17.52
C LEU C 9 7.58 5.75 18.89
N THR C 10 8.64 5.43 19.63
CA THR C 10 8.44 4.76 20.94
C THR C 10 7.61 5.68 21.86
N GLY C 11 6.66 5.11 22.59
CA GLY C 11 5.77 5.88 23.46
C GLY C 11 4.51 6.42 22.80
N LEU C 12 4.41 6.27 21.46
CA LEU C 12 3.23 6.73 20.72
C LEU C 12 2.26 5.61 20.44
N ARG C 13 0.99 5.98 20.38
CA ARG C 13 -0.14 5.07 20.15
C ARG C 13 -0.70 5.41 18.78
N PHE C 14 -1.10 4.40 17.99
CA PHE C 14 -1.72 4.68 16.69
C PHE C 14 -2.97 3.84 16.51
N ILE C 15 -3.87 4.29 15.65
CA ILE C 15 -4.98 3.47 15.20
C ILE C 15 -4.84 3.03 13.73
N ASP C 16 -5.30 1.83 13.42
CA ASP C 16 -5.11 1.21 12.12
C ASP C 16 -6.49 1.17 11.45
N LEU C 17 -6.87 2.24 10.74
CA LEU C 17 -8.15 2.24 10.00
C LEU C 17 -7.97 1.62 8.64
N PHE C 18 -9.06 1.02 8.09
CA PHE C 18 -9.06 0.32 6.80
C PHE C 18 -7.85 -0.63 6.80
N ALA C 19 -7.75 -1.40 7.88
CA ALA C 19 -6.53 -2.10 8.26
C ALA C 19 -6.03 -3.09 7.21
N GLY C 20 -6.94 -3.72 6.50
CA GLY C 20 -6.57 -4.84 5.57
C GLY C 20 -5.67 -5.89 6.24
N LEU C 21 -4.51 -6.15 5.62
CA LEU C 21 -3.46 -7.02 6.16
C LEU C 21 -2.69 -6.46 7.34
N GLY C 22 -2.86 -5.17 7.63
CA GLY C 22 -2.11 -4.56 8.75
C GLY C 22 -0.77 -3.97 8.34
N GLY C 23 -0.58 -3.63 7.05
CA GLY C 23 0.70 -3.01 6.63
C GLY C 23 1.13 -1.78 7.41
N PHE C 24 0.18 -0.90 7.71
CA PHE C 24 0.52 0.25 8.56
C PHE C 24 0.94 -0.15 9.95
N ARG C 25 0.27 -1.17 10.51
CA ARG C 25 0.71 -1.69 11.79
C ARG C 25 2.15 -2.23 11.76
N LEU C 26 2.52 -3.00 10.76
CA LEU C 26 3.88 -3.52 10.71
C LEU C 26 4.88 -2.39 10.61
N ALA C 27 4.62 -1.44 9.72
CA ALA C 27 5.44 -0.24 9.59
C ALA C 27 5.63 0.57 10.87
N LEU C 28 4.55 1.01 11.50
CA LEU C 28 4.66 1.80 12.73
C LEU C 28 5.22 1.02 13.91
N GLU C 29 4.77 -0.23 14.10
CA GLU C 29 5.30 -1.07 15.18
C GLU C 29 6.80 -1.25 15.04
N SER C 30 7.29 -1.36 13.81
CA SER C 30 8.77 -1.45 13.59
C SER C 30 9.53 -0.21 14.08
N CYS C 31 8.90 0.95 14.06
CA CYS C 31 9.46 2.19 14.61
C CYS C 31 9.15 2.38 16.07
N GLY C 32 8.56 1.37 16.71
CA GLY C 32 8.30 1.40 18.14
C GLY C 32 6.93 1.84 18.65
N ALA C 33 5.99 2.13 17.73
CA ALA C 33 4.67 2.63 18.14
C ALA C 33 3.76 1.47 18.52
N GLU C 34 2.74 1.77 19.31
CA GLU C 34 1.81 0.75 19.79
C GLU C 34 0.43 0.96 19.19
N CYS C 35 -0.11 -0.07 18.55
CA CYS C 35 -1.46 -0.05 18.04
C CYS C 35 -2.51 -0.16 19.18
N VAL C 36 -3.51 0.71 19.16
CA VAL C 36 -4.56 0.69 20.19
C VAL C 36 -5.98 0.51 19.62
N TYR C 37 -6.09 0.49 18.29
CA TYR C 37 -7.37 0.20 17.67
C TYR C 37 -7.16 -0.15 16.19
N SER C 38 -7.96 -1.06 15.66
CA SER C 38 -7.94 -1.38 14.23
C SER C 38 -9.39 -1.55 13.79
N ASN C 39 -9.62 -1.16 12.53
CA ASN C 39 -10.94 -1.28 11.94
C ASN C 39 -10.80 -1.77 10.51
N GLU C 40 -11.61 -2.78 10.17
CA GLU C 40 -11.63 -3.41 8.85
C GLU C 40 -12.91 -4.25 8.79
N TRP C 41 -13.73 -4.04 7.76
CA TRP C 41 -15.01 -4.76 7.66
C TRP C 41 -15.04 -6.03 6.79
N ASP C 42 -13.97 -6.29 6.05
CA ASP C 42 -14.03 -7.45 5.15
C ASP C 42 -13.76 -8.71 5.99
N LYS C 43 -14.67 -9.69 5.92
CA LYS C 43 -14.57 -10.96 6.68
C LYS C 43 -13.21 -11.66 6.52
N TYR C 44 -12.71 -11.76 5.30
CA TYR C 44 -11.47 -12.53 5.09
C TYR C 44 -10.24 -11.71 5.51
N ALA C 45 -10.27 -10.37 5.33
CA ALA C 45 -9.22 -9.53 5.87
C ALA C 45 -9.14 -9.62 7.41
N GLN C 46 -10.29 -9.56 8.07
CA GLN C 46 -10.40 -9.76 9.51
C GLN C 46 -9.78 -11.08 9.92
N GLU C 47 -10.04 -12.16 9.17
CA GLU C 47 -9.37 -13.46 9.46
C GLU C 47 -7.84 -13.39 9.39
N VAL C 48 -7.29 -12.86 8.29
CA VAL C 48 -5.80 -12.78 8.18
C VAL C 48 -5.20 -11.84 9.22
N TYR C 49 -5.91 -10.76 9.50
CA TYR C 49 -5.43 -9.82 10.52
C TYR C 49 -5.41 -10.52 11.88
N GLU C 50 -6.47 -11.23 12.23
CA GLU C 50 -6.47 -11.98 13.49
C GLU C 50 -5.32 -13.02 13.54
N MET C 51 -5.16 -13.78 12.44
CA MET C 51 -4.06 -14.80 12.32
C MET C 51 -2.71 -14.20 12.63
N ASN C 52 -2.54 -12.95 12.20
CA ASN C 52 -1.25 -12.26 12.31
C ASN C 52 -1.08 -11.41 13.52
N PHE C 53 -2.17 -10.80 14.03
CA PHE C 53 -2.05 -9.89 15.20
C PHE C 53 -2.77 -10.33 16.45
N GLY C 54 -3.64 -11.33 16.35
CA GLY C 54 -4.33 -11.85 17.51
C GLY C 54 -5.63 -11.16 17.89
N GLU C 55 -6.14 -10.25 17.06
CA GLU C 55 -7.36 -9.53 17.38
C GLU C 55 -8.22 -9.39 16.12
N LYS C 56 -9.54 -9.38 16.27
CA LYS C 56 -10.41 -9.07 15.13
C LYS C 56 -10.65 -7.55 15.08
N PRO C 57 -10.33 -6.90 13.95
CA PRO C 57 -10.73 -5.46 13.88
C PRO C 57 -12.24 -5.29 13.98
N GLU C 58 -12.64 -4.11 14.44
CA GLU C 58 -14.03 -3.71 14.43
C GLU C 58 -14.48 -3.54 12.97
N GLY C 59 -15.78 -3.67 12.74
CA GLY C 59 -16.39 -3.65 11.42
C GLY C 59 -16.81 -2.25 11.04
N ASP C 60 -17.62 -2.16 9.99
CA ASP C 60 -18.09 -0.90 9.34
C ASP C 60 -17.87 0.44 10.07
N ILE C 61 -16.83 1.16 9.64
CA ILE C 61 -16.40 2.41 10.31
C ILE C 61 -17.49 3.51 10.23
N THR C 62 -18.35 3.44 9.20
CA THR C 62 -19.42 4.43 9.03
C THR C 62 -20.45 4.38 10.17
N GLN C 63 -20.51 3.23 10.84
CA GLN C 63 -21.47 2.97 11.93
C GLN C 63 -20.83 3.04 13.31
N VAL C 64 -19.55 3.44 13.32
CA VAL C 64 -18.75 3.54 14.57
C VAL C 64 -18.86 4.93 15.13
N ASN C 65 -19.26 5.03 16.39
CA ASN C 65 -19.28 6.32 17.08
C ASN C 65 -17.86 6.70 17.43
N GLU C 66 -17.43 7.80 16.86
CA GLU C 66 -16.05 8.32 17.00
C GLU C 66 -15.62 8.63 18.46
N LYS C 67 -16.59 8.80 19.36
CA LYS C 67 -16.32 8.95 20.81
C LYS C 67 -15.77 7.68 21.45
N THR C 68 -16.05 6.54 20.84
CA THR C 68 -15.66 5.24 21.38
C THR C 68 -14.23 4.84 20.95
N ILE C 69 -13.67 5.56 19.98
CA ILE C 69 -12.31 5.32 19.51
C ILE C 69 -11.26 5.72 20.55
N PRO C 70 -10.34 4.79 20.88
CA PRO C 70 -9.35 5.07 21.92
C PRO C 70 -8.52 6.29 21.56
N ASP C 71 -8.05 7.00 22.59
CA ASP C 71 -7.11 8.09 22.39
C ASP C 71 -5.86 7.59 21.67
N HIS C 72 -5.32 8.44 20.80
CA HIS C 72 -4.15 8.03 19.98
C HIS C 72 -3.39 9.24 19.48
N ASP C 73 -2.12 9.00 19.19
CA ASP C 73 -1.23 10.02 18.63
C ASP C 73 -1.20 10.07 17.11
N ILE C 74 -1.34 8.90 16.48
CA ILE C 74 -1.27 8.86 15.00
C ILE C 74 -2.44 8.07 14.45
N LEU C 75 -3.14 8.71 13.51
CA LEU C 75 -4.20 8.01 12.77
C LEU C 75 -3.68 7.56 11.40
N CYS C 76 -3.76 6.25 11.12
CA CYS C 76 -3.34 5.66 9.84
C CYS C 76 -4.56 5.20 9.09
N ALA C 77 -4.59 5.51 7.78
CA ALA C 77 -5.70 5.16 6.91
C ALA C 77 -5.30 5.09 5.43
N GLY C 78 -5.21 3.88 4.90
CA GLY C 78 -5.13 3.67 3.44
C GLY C 78 -6.55 3.42 3.00
N PHE C 79 -7.23 4.48 2.58
CA PHE C 79 -8.67 4.38 2.40
C PHE C 79 -8.98 3.89 1.00
N PRO C 80 -10.21 3.36 0.76
CA PRO C 80 -10.49 2.66 -0.49
C PRO C 80 -10.20 3.53 -1.71
N CYS C 81 -9.68 2.88 -2.76
CA CYS C 81 -9.19 3.57 -3.96
C CYS C 81 -9.99 3.27 -5.20
N GLN C 82 -10.97 2.34 -5.13
CA GLN C 82 -11.65 1.90 -6.38
C GLN C 82 -12.38 3.04 -7.10
N ALA C 83 -12.85 4.00 -6.31
CA ALA C 83 -13.56 5.18 -6.80
C ALA C 83 -12.62 6.29 -7.41
N PHE C 84 -11.30 6.08 -7.30
CA PHE C 84 -10.28 7.07 -7.75
C PHE C 84 -9.28 6.54 -8.77
N SER C 85 -9.13 5.20 -8.86
CA SER C 85 -8.21 4.49 -9.76
C SER C 85 -8.47 4.81 -11.24
N ILE C 86 -7.42 4.94 -12.05
CA ILE C 86 -7.64 5.06 -13.51
C ILE C 86 -8.16 3.79 -14.19
N SER C 87 -8.18 2.67 -13.43
CA SER C 87 -8.78 1.45 -13.92
C SER C 87 -10.31 1.37 -13.79
N GLY C 88 -10.94 2.27 -13.02
CA GLY C 88 -12.41 2.21 -12.82
C GLY C 88 -13.13 3.40 -13.40
N LYS C 89 -14.30 3.68 -12.83
CA LYS C 89 -15.22 4.71 -13.32
C LYS C 89 -14.93 6.12 -12.82
N GLN C 90 -14.05 6.24 -11.84
CA GLN C 90 -13.70 7.57 -11.28
C GLN C 90 -14.86 8.43 -10.74
N LYS C 91 -15.86 7.78 -10.17
CA LYS C 91 -16.99 8.53 -9.64
C LYS C 91 -16.66 9.28 -8.34
N GLY C 92 -15.49 9.02 -7.77
CA GLY C 92 -15.04 9.71 -6.55
C GLY C 92 -16.04 9.75 -5.40
N PHE C 93 -16.30 10.97 -4.89
CA PHE C 93 -17.23 11.14 -3.80
C PHE C 93 -18.69 10.72 -4.11
N GLU C 94 -18.99 10.46 -5.39
CA GLU C 94 -20.31 10.00 -5.82
C GLU C 94 -20.47 8.50 -5.63
N ASP C 95 -19.36 7.83 -5.37
CA ASP C 95 -19.32 6.39 -5.14
C ASP C 95 -19.44 6.12 -3.62
N SER C 96 -20.22 5.11 -3.24
CA SER C 96 -20.26 4.67 -1.83
C SER C 96 -18.85 4.44 -1.21
N ARG C 97 -17.98 3.85 -2.03
CA ARG C 97 -16.67 3.51 -1.60
C ARG C 97 -15.76 4.75 -1.70
N GLY C 98 -16.31 5.90 -2.10
CA GLY C 98 -15.53 7.12 -2.32
C GLY C 98 -15.56 8.17 -1.21
N THR C 99 -16.33 7.91 -0.14
CA THR C 99 -16.58 8.96 0.86
C THR C 99 -16.03 8.62 2.22
N LEU C 100 -15.21 7.58 2.26
CA LEU C 100 -14.59 7.14 3.53
C LEU C 100 -13.65 8.18 4.12
N PHE C 101 -13.07 9.04 3.28
CA PHE C 101 -12.29 10.19 3.80
C PHE C 101 -13.08 11.01 4.84
N PHE C 102 -14.37 11.23 4.59
CA PHE C 102 -15.14 12.02 5.57
C PHE C 102 -15.38 11.36 6.92
N ASP C 103 -15.35 10.03 7.00
CA ASP C 103 -15.23 9.28 8.25
C ASP C 103 -13.90 9.48 8.98
N ILE C 104 -12.78 9.46 8.24
CA ILE C 104 -11.52 9.91 8.82
C ILE C 104 -11.66 11.31 9.41
N ALA C 105 -12.21 12.24 8.64
CA ALA C 105 -12.35 13.63 9.09
C ALA C 105 -13.14 13.70 10.39
N ARG C 106 -14.25 12.96 10.42
CA ARG C 106 -15.16 12.85 11.59
C ARG C 106 -14.41 12.37 12.83
N ILE C 107 -13.55 11.35 12.65
CA ILE C 107 -12.73 10.86 13.75
C ILE C 107 -11.68 11.86 14.20
N VAL C 108 -11.00 12.46 13.24
CA VAL C 108 -10.03 13.48 13.54
C VAL C 108 -10.63 14.68 14.32
N ARG C 109 -11.81 15.11 13.92
CA ARG C 109 -12.44 16.21 14.62
C ARG C 109 -12.63 15.90 16.11
N GLU C 110 -12.94 14.65 16.42
CA GLU C 110 -13.25 14.25 17.80
C GLU C 110 -11.99 13.86 18.59
N LYS C 111 -11.13 13.07 17.97
CA LYS C 111 -9.95 12.56 18.66
C LYS C 111 -8.72 13.44 18.64
N LYS C 112 -8.61 14.32 17.65
CA LYS C 112 -7.47 15.23 17.51
C LYS C 112 -6.05 14.61 17.70
N PRO C 113 -5.70 13.59 16.88
CA PRO C 113 -4.33 13.08 16.97
C PRO C 113 -3.26 14.12 16.57
N LYS C 114 -2.02 13.87 17.00
CA LYS C 114 -0.86 14.66 16.58
C LYS C 114 -0.66 14.61 15.08
N VAL C 115 -0.84 13.43 14.51
CA VAL C 115 -0.55 13.17 13.09
C VAL C 115 -1.67 12.35 12.43
N VAL C 116 -1.95 12.67 11.15
CA VAL C 116 -2.85 11.92 10.29
C VAL C 116 -2.05 11.47 9.06
N PHE C 117 -2.09 10.17 8.78
CA PHE C 117 -1.17 9.53 7.81
C PHE C 117 -2.06 8.72 6.86
N MET C 118 -2.24 9.24 5.65
CA MET C 118 -3.16 8.63 4.67
C MET C 118 -2.47 8.20 3.38
N GLU C 119 -3.06 7.24 2.67
CA GLU C 119 -2.51 6.82 1.37
C GLU C 119 -3.69 6.60 0.42
N ASN C 120 -3.49 6.89 -0.87
CA ASN C 120 -4.41 6.52 -1.92
C ASN C 120 -3.63 6.37 -3.23
N VAL C 121 -4.33 6.15 -4.33
CA VAL C 121 -3.71 5.94 -5.62
C VAL C 121 -3.12 7.27 -6.15
N LYS C 122 -2.09 7.17 -7.01
CA LYS C 122 -1.51 8.37 -7.65
C LYS C 122 -2.60 9.32 -8.21
N ASN C 123 -3.58 8.76 -8.90
CA ASN C 123 -4.66 9.53 -9.53
C ASN C 123 -5.59 10.31 -8.57
N PHE C 124 -5.49 10.03 -7.28
CA PHE C 124 -6.19 10.85 -6.29
C PHE C 124 -5.76 12.32 -6.39
N ALA C 125 -4.49 12.53 -6.80
CA ALA C 125 -3.95 13.87 -6.91
C ALA C 125 -4.53 14.63 -8.13
N SER C 126 -4.95 13.90 -9.16
CA SER C 126 -5.42 14.55 -10.40
C SER C 126 -6.97 14.47 -10.55
N HIS C 127 -7.60 13.59 -9.78
CA HIS C 127 -9.04 13.28 -9.88
C HIS C 127 -9.93 14.56 -9.79
N ASP C 128 -10.95 14.63 -10.65
CA ASP C 128 -11.96 15.76 -10.65
C ASP C 128 -11.22 17.10 -10.77
N ASN C 129 -10.32 17.15 -11.71
CA ASN C 129 -9.51 18.31 -11.98
C ASN C 129 -8.79 18.92 -10.75
N GLY C 130 -8.34 18.03 -9.85
CA GLY C 130 -7.57 18.41 -8.69
C GLY C 130 -8.45 18.79 -7.55
N ASN C 131 -9.78 18.78 -7.74
CA ASN C 131 -10.69 19.26 -6.68
C ASN C 131 -10.77 18.28 -5.54
N THR C 132 -10.60 17.01 -5.87
CA THR C 132 -10.59 15.96 -4.84
C THR C 132 -9.47 16.22 -3.82
N LEU C 133 -8.22 16.35 -4.29
CA LEU C 133 -7.12 16.63 -3.33
C LEU C 133 -7.31 17.97 -2.61
N GLU C 134 -7.74 18.96 -3.38
CA GLU C 134 -8.12 20.23 -2.82
C GLU C 134 -9.09 20.19 -1.62
N VAL C 135 -10.14 19.39 -1.76
CA VAL C 135 -11.12 19.18 -0.68
C VAL C 135 -10.48 18.55 0.53
N VAL C 136 -9.62 17.58 0.28
CA VAL C 136 -8.92 16.92 1.39
C VAL C 136 -8.03 17.94 2.11
N LYS C 137 -7.22 18.67 1.36
CA LYS C 137 -6.35 19.69 1.97
C LYS C 137 -7.14 20.70 2.83
N ASN C 138 -8.20 21.22 2.23
CA ASN C 138 -9.08 22.16 2.91
C ASN C 138 -9.76 21.60 4.15
N THR C 139 -10.16 20.34 4.10
CA THR C 139 -10.73 19.69 5.28
C THR C 139 -9.74 19.61 6.41
N MET C 140 -8.51 19.14 6.10
CA MET C 140 -7.46 19.04 7.09
C MET C 140 -7.05 20.41 7.67
N ASN C 141 -6.87 21.40 6.79
CA ASN C 141 -6.54 22.80 7.21
C ASN C 141 -7.63 23.35 8.18
N GLU C 142 -8.91 23.12 7.86
CA GLU C 142 -10.00 23.60 8.78
C GLU C 142 -10.10 22.82 10.13
N LEU C 143 -9.59 21.57 10.17
CA LEU C 143 -9.40 20.78 11.38
C LEU C 143 -8.15 21.21 12.20
N ASP C 144 -7.39 22.17 11.69
CA ASP C 144 -6.18 22.79 12.31
C ASP C 144 -4.96 21.89 12.13
N TYR C 145 -4.84 21.30 10.94
CA TYR C 145 -3.66 20.49 10.49
C TYR C 145 -2.93 21.11 9.28
N SER C 146 -1.61 20.96 9.25
CA SER C 146 -0.85 21.19 8.01
C SER C 146 -1.11 20.00 7.06
N PHE C 147 -0.74 20.13 5.79
CA PHE C 147 -1.04 19.09 4.80
C PHE C 147 0.12 18.93 3.83
N HIS C 148 0.77 17.75 3.87
CA HIS C 148 1.95 17.44 3.07
C HIS C 148 1.54 16.26 2.21
N ALA C 149 1.62 16.39 0.89
CA ALA C 149 1.16 15.34 -0.01
C ALA C 149 2.21 15.15 -1.12
N LYS C 150 2.58 13.91 -1.42
CA LYS C 150 3.54 13.63 -2.49
C LYS C 150 3.27 12.19 -2.98
N VAL C 151 3.35 12.02 -4.28
CA VAL C 151 3.28 10.72 -4.96
C VAL C 151 4.68 10.10 -4.94
N LEU C 152 4.78 8.91 -4.32
CA LEU C 152 6.01 8.15 -4.30
C LEU C 152 5.86 6.80 -5.05
N ASN C 153 6.93 6.39 -5.73
CA ASN C 153 6.98 5.14 -6.50
C ASN C 153 7.84 4.17 -5.70
N ALA C 154 7.31 2.97 -5.45
CA ALA C 154 8.01 1.97 -4.62
C ALA C 154 9.39 1.64 -5.13
N LEU C 155 9.57 1.73 -6.45
CA LEU C 155 10.87 1.35 -7.06
C LEU C 155 12.00 2.31 -6.64
N ASP C 156 11.65 3.49 -6.12
CA ASP C 156 12.65 4.44 -5.57
C ASP C 156 13.07 4.17 -4.13
N TYR C 157 12.45 3.17 -3.49
CA TYR C 157 12.64 2.82 -2.04
C TYR C 157 12.96 1.36 -1.76
N GLY C 158 13.71 0.73 -2.67
CA GLY C 158 14.28 -0.62 -2.42
C GLY C 158 13.34 -1.79 -2.77
N ILE C 159 12.21 -1.50 -3.38
CA ILE C 159 11.23 -2.55 -3.69
C ILE C 159 10.95 -2.57 -5.21
N PRO C 160 11.08 -3.76 -5.84
CA PRO C 160 10.93 -3.89 -7.30
C PRO C 160 9.46 -3.97 -7.72
N GLN C 161 8.74 -2.87 -7.52
CA GLN C 161 7.38 -2.76 -8.00
C GLN C 161 7.13 -1.30 -8.37
N LYS C 162 6.55 -1.12 -9.56
CA LYS C 162 6.18 0.19 -10.11
C LYS C 162 4.88 0.78 -9.46
N ARG C 163 4.74 0.71 -8.14
CA ARG C 163 3.48 1.11 -7.48
C ARG C 163 3.54 2.58 -7.04
N GLU C 164 2.83 3.45 -7.76
CA GLU C 164 2.83 4.87 -7.46
C GLU C 164 1.60 5.20 -6.63
N ARG C 165 1.79 5.85 -5.47
CA ARG C 165 0.70 6.13 -4.56
C ARG C 165 0.91 7.55 -4.02
N ILE C 166 -0.15 8.21 -3.60
CA ILE C 166 -0.01 9.52 -2.96
C ILE C 166 0.04 9.24 -1.48
N TYR C 167 0.93 9.93 -0.80
CA TYR C 167 0.99 9.80 0.65
C TYR C 167 0.72 11.17 1.22
N MET C 168 -0.13 11.18 2.24
CA MET C 168 -0.64 12.41 2.82
C MET C 168 -0.37 12.39 4.31
N ILE C 169 0.44 13.35 4.75
CA ILE C 169 0.90 13.47 6.15
C ILE C 169 0.50 14.86 6.72
N CYS C 170 -0.29 14.87 7.80
CA CYS C 170 -0.89 16.11 8.39
C CYS C 170 -0.47 16.18 9.86
N PHE C 171 0.02 17.36 10.28
CA PHE C 171 0.51 17.57 11.63
C PHE C 171 -0.41 18.61 12.27
N ARG C 172 -0.87 18.34 13.47
CA ARG C 172 -1.68 19.30 14.22
C ARG C 172 -0.90 20.62 14.35
N ASN C 173 -1.59 21.74 14.13
CA ASN C 173 -0.91 23.04 14.06
C ASN C 173 -0.13 23.48 15.29
N ASP C 174 -0.63 23.14 16.47
CA ASP C 174 0.04 23.49 17.74
C ASP C 174 1.45 22.87 17.92
N LEU C 175 1.77 21.85 17.14
CA LEU C 175 3.08 21.19 17.23
C LEU C 175 4.13 21.96 16.47
N ASN C 176 3.68 22.82 15.57
CA ASN C 176 4.58 23.63 14.80
C ASN C 176 5.72 22.87 14.07
N ILE C 177 5.34 21.79 13.40
CA ILE C 177 6.31 21.00 12.66
C ILE C 177 6.63 21.64 11.32
N GLN C 178 7.87 22.08 11.14
CA GLN C 178 8.30 22.76 9.91
C GLN C 178 9.34 21.97 9.13
N ASN C 179 9.67 20.78 9.61
CA ASN C 179 10.80 20.05 9.02
C ASN C 179 10.46 18.63 8.52
N PHE C 180 9.17 18.38 8.31
CA PHE C 180 8.81 17.10 7.74
C PHE C 180 9.33 17.03 6.29
N GLN C 181 9.95 15.91 5.96
CA GLN C 181 10.37 15.66 4.61
C GLN C 181 10.00 14.24 4.23
N PHE C 182 9.48 14.10 3.01
CA PHE C 182 9.37 12.81 2.35
C PHE C 182 10.77 12.20 2.15
N PRO C 183 10.88 10.86 2.29
CA PRO C 183 12.19 10.20 2.15
C PRO C 183 12.79 10.39 0.74
N LYS C 184 14.12 10.49 0.67
CA LYS C 184 14.80 10.67 -0.62
C LYS C 184 14.97 9.32 -1.31
N PRO C 185 14.74 9.26 -2.65
CA PRO C 185 14.91 7.99 -3.40
C PRO C 185 16.33 7.48 -3.35
N PHE C 186 16.50 6.16 -3.47
CA PHE C 186 17.82 5.61 -3.63
C PHE C 186 17.83 4.54 -4.68
N GLU C 187 19.04 4.15 -5.08
CA GLU C 187 19.18 3.16 -6.14
C GLU C 187 18.61 1.80 -5.72
N LEU C 188 17.91 1.17 -6.66
CA LEU C 188 17.28 -0.12 -6.49
C LEU C 188 18.32 -1.21 -6.75
N ASN C 189 18.39 -2.20 -5.87
CA ASN C 189 19.38 -3.28 -5.98
C ASN C 189 18.74 -4.65 -5.85
N THR C 190 17.41 -4.68 -5.90
CA THR C 190 16.61 -5.91 -5.77
C THR C 190 15.63 -5.92 -6.95
N PHE C 191 15.55 -7.05 -7.65
CA PHE C 191 14.70 -7.16 -8.84
C PHE C 191 13.74 -8.31 -8.62
N VAL C 192 12.78 -8.50 -9.52
CA VAL C 192 11.78 -9.55 -9.29
C VAL C 192 12.42 -10.91 -9.10
N LYS C 193 13.46 -11.19 -9.91
CA LYS C 193 14.17 -12.47 -9.90
C LYS C 193 14.74 -12.75 -8.50
N ASP C 194 15.02 -11.70 -7.74
CA ASP C 194 15.62 -11.86 -6.41
C ASP C 194 14.62 -12.36 -5.35
N LEU C 195 13.33 -12.27 -5.67
CA LEU C 195 12.23 -12.51 -4.71
C LEU C 195 11.47 -13.77 -5.05
N LEU C 196 11.84 -14.40 -6.16
CA LEU C 196 11.12 -15.56 -6.66
C LEU C 196 11.37 -16.82 -5.82
N LEU C 197 10.32 -17.62 -5.66
CA LEU C 197 10.41 -18.93 -5.01
C LEU C 197 11.09 -19.94 -5.98
N PRO C 198 11.55 -21.10 -5.46
CA PRO C 198 12.03 -22.20 -6.35
C PRO C 198 10.96 -22.69 -7.33
N ASP C 199 11.40 -23.05 -8.54
CA ASP C 199 10.48 -23.50 -9.55
C ASP C 199 9.58 -24.63 -9.02
N SER C 200 10.12 -25.50 -8.16
CA SER C 200 9.38 -26.65 -7.59
C SER C 200 8.14 -26.22 -6.79
N GLU C 201 8.16 -24.98 -6.29
CA GLU C 201 7.06 -24.52 -5.44
C GLU C 201 5.89 -23.86 -6.19
N VAL C 202 6.06 -23.66 -7.51
CA VAL C 202 5.21 -22.76 -8.28
C VAL C 202 4.76 -23.31 -9.64
N GLU C 203 4.89 -24.64 -9.79
CA GLU C 203 4.59 -25.32 -11.04
C GLU C 203 3.15 -25.15 -11.45
N HIS C 204 2.28 -25.09 -10.44
CA HIS C 204 0.85 -24.93 -10.63
C HIS C 204 0.44 -23.55 -11.14
N LEU C 205 1.37 -22.59 -11.17
CA LEU C 205 1.06 -21.22 -11.56
C LEU C 205 1.44 -20.96 -13.00
N VAL C 206 2.10 -21.95 -13.62
CA VAL C 206 2.54 -21.83 -15.03
C VAL C 206 1.31 -21.86 -15.94
N ILE C 207 1.27 -20.95 -16.91
CA ILE C 207 0.17 -20.85 -17.84
C ILE C 207 0.79 -20.99 -19.22
N ASP C 208 0.20 -21.85 -20.05
CA ASP C 208 0.75 -22.06 -21.39
C ASP C 208 -0.32 -21.75 -22.45
N ARG C 209 -0.32 -20.51 -22.90
CA ARG C 209 -1.30 -20.10 -23.88
C ARG C 209 -0.78 -20.17 -25.27
N LYS C 210 -1.64 -20.67 -26.15
CA LYS C 210 -1.25 -20.95 -27.52
C LYS C 210 -1.18 -19.67 -28.36
N ASP C 211 -1.82 -18.60 -27.85
CA ASP C 211 -1.80 -17.25 -28.43
C ASP C 211 -0.82 -16.27 -27.80
N LEU C 212 0.16 -16.78 -27.05
CA LEU C 212 1.27 -15.97 -26.55
C LEU C 212 2.11 -15.43 -27.70
N VAL C 213 2.31 -14.11 -27.73
CA VAL C 213 3.21 -13.49 -28.72
C VAL C 213 4.34 -12.79 -27.99
N MET C 214 5.59 -13.20 -28.27
CA MET C 214 6.75 -12.67 -27.57
C MET C 214 7.34 -11.56 -28.38
N THR C 215 7.19 -10.34 -27.85
CA THR C 215 7.43 -9.08 -28.55
C THR C 215 8.86 -8.58 -28.41
N ASN C 216 9.52 -8.95 -27.31
CA ASN C 216 10.83 -8.42 -26.98
C ASN C 216 11.75 -9.48 -26.42
N GLN C 217 13.04 -9.37 -26.73
CA GLN C 217 14.01 -10.34 -26.24
C GLN C 217 14.23 -10.13 -24.76
N GLU C 218 14.37 -11.24 -24.05
CA GLU C 218 14.69 -11.22 -22.61
C GLU C 218 15.97 -10.41 -22.39
N ILE C 219 16.06 -9.79 -21.22
CA ILE C 219 17.26 -9.04 -20.85
C ILE C 219 18.12 -9.79 -19.85
N GLU C 220 19.44 -9.60 -19.95
CA GLU C 220 20.39 -10.15 -18.98
C GLU C 220 20.77 -9.15 -17.88
N GLN C 221 20.74 -7.86 -18.23
CA GLN C 221 21.06 -6.77 -17.31
C GLN C 221 19.79 -6.37 -16.54
N THR C 222 19.90 -6.31 -15.22
CA THR C 222 18.75 -5.90 -14.39
C THR C 222 18.54 -4.39 -14.52
N THR C 223 17.29 -3.95 -14.40
CA THR C 223 16.91 -2.56 -14.66
C THR C 223 15.73 -2.15 -13.77
N PRO C 224 15.76 -0.93 -13.20
CA PRO C 224 14.67 -0.54 -12.26
C PRO C 224 13.40 -0.02 -12.99
N LYS C 225 12.88 -0.83 -13.90
CA LYS C 225 11.69 -0.48 -14.70
C LYS C 225 11.01 -1.75 -15.15
N THR C 226 9.74 -1.66 -15.54
CA THR C 226 9.03 -2.82 -16.07
C THR C 226 9.51 -3.06 -17.49
N VAL C 227 9.59 -4.33 -17.88
CA VAL C 227 10.11 -4.68 -19.19
C VAL C 227 9.16 -5.73 -19.71
N ARG C 228 8.22 -5.28 -20.53
CA ARG C 228 7.27 -6.17 -21.17
C ARG C 228 7.89 -6.96 -22.30
N LEU C 229 7.69 -8.27 -22.31
CA LEU C 229 8.36 -9.17 -23.27
C LEU C 229 7.35 -9.75 -24.27
N GLY C 230 6.08 -9.69 -23.91
CA GLY C 230 5.08 -10.30 -24.75
C GLY C 230 3.71 -10.12 -24.18
N ILE C 231 2.73 -10.54 -24.97
CA ILE C 231 1.33 -10.40 -24.60
C ILE C 231 0.57 -11.69 -24.95
N VAL C 232 -0.60 -11.86 -24.34
CA VAL C 232 -1.57 -12.87 -24.76
C VAL C 232 -2.85 -12.14 -25.06
N GLY C 233 -3.77 -12.80 -25.79
CA GLY C 233 -5.05 -12.18 -26.17
C GLY C 233 -4.84 -10.85 -26.85
N LYS C 234 -5.65 -9.87 -26.47
CA LYS C 234 -5.44 -8.48 -26.93
C LYS C 234 -4.45 -7.61 -26.10
N GLY C 235 -3.84 -8.15 -25.06
CA GLY C 235 -2.80 -7.40 -24.32
C GLY C 235 -3.40 -6.37 -23.36
N GLY C 236 -4.58 -6.70 -22.82
CA GLY C 236 -5.24 -5.90 -21.80
C GLY C 236 -4.63 -6.25 -20.46
N GLN C 237 -5.22 -5.71 -19.41
CA GLN C 237 -4.76 -5.94 -18.03
C GLN C 237 -4.75 -7.44 -17.75
N GLY C 238 -3.65 -7.94 -17.18
CA GLY C 238 -3.54 -9.39 -16.91
C GLY C 238 -3.20 -10.21 -18.14
N GLU C 239 -2.94 -9.53 -19.26
CA GLU C 239 -2.60 -10.19 -20.53
C GLU C 239 -1.21 -9.79 -21.03
N ARG C 240 -0.33 -9.47 -20.07
CA ARG C 240 0.99 -8.92 -20.36
C ARG C 240 2.03 -9.67 -19.55
N ILE C 241 3.15 -10.00 -20.22
CA ILE C 241 4.24 -10.78 -19.67
C ILE C 241 5.51 -9.95 -19.59
N TYR C 242 6.16 -10.01 -18.42
CA TYR C 242 7.31 -9.19 -18.04
C TYR C 242 8.62 -9.97 -17.75
N SER C 243 9.76 -9.32 -17.91
CA SER C 243 11.04 -9.86 -17.45
C SER C 243 11.16 -9.72 -15.93
N THR C 244 11.62 -10.81 -15.29
CA THR C 244 11.99 -10.80 -13.89
C THR C 244 13.31 -10.10 -13.66
N ARG C 245 13.98 -9.68 -14.75
CA ARG C 245 15.16 -8.83 -14.55
C ARG C 245 14.80 -7.35 -14.37
N GLY C 246 13.54 -7.01 -14.62
CA GLY C 246 13.03 -5.68 -14.22
C GLY C 246 12.27 -5.71 -12.91
N ILE C 247 11.24 -4.86 -12.80
CA ILE C 247 10.47 -4.78 -11.57
C ILE C 247 9.06 -5.26 -11.86
N ALA C 248 8.25 -5.51 -10.80
CA ALA C 248 6.87 -5.99 -10.98
C ALA C 248 5.94 -4.85 -11.40
N ILE C 249 4.86 -5.20 -12.13
CA ILE C 249 3.77 -4.20 -12.34
C ILE C 249 3.03 -4.07 -11.04
N THR C 250 2.18 -3.04 -10.96
CA THR C 250 1.37 -2.79 -9.78
C THR C 250 0.49 -3.99 -9.50
N LEU C 251 0.55 -4.52 -8.28
CA LEU C 251 -0.38 -5.61 -7.91
C LEU C 251 -1.77 -5.04 -7.74
N SER C 252 -2.82 -5.78 -8.14
CA SER C 252 -4.19 -5.24 -8.05
C SER C 252 -5.21 -6.14 -7.41
N ALA C 253 -6.25 -5.56 -6.80
CA ALA C 253 -7.19 -6.32 -5.95
C ALA C 253 -8.31 -6.96 -6.71
N TYR C 254 -8.77 -6.24 -7.73
CA TYR C 254 -9.94 -6.65 -8.49
C TYR C 254 -9.58 -6.88 -9.94
N GLY C 255 -8.30 -7.04 -10.24
CA GLY C 255 -7.84 -7.05 -11.66
C GLY C 255 -8.19 -8.36 -12.34
N GLY C 256 -8.35 -8.32 -13.68
CA GLY C 256 -8.70 -9.52 -14.44
C GLY C 256 -7.61 -10.00 -15.36
N GLY C 257 -8.01 -10.60 -16.48
CA GLY C 257 -7.02 -11.24 -17.40
C GLY C 257 -6.55 -12.60 -16.92
N ILE C 258 -5.92 -13.36 -17.82
CA ILE C 258 -5.46 -14.71 -17.47
C ILE C 258 -4.36 -14.69 -16.39
N PHE C 259 -3.57 -13.62 -16.36
CA PHE C 259 -2.55 -13.46 -15.31
C PHE C 259 -3.04 -12.48 -14.23
N ALA C 260 -4.27 -12.71 -13.77
CA ALA C 260 -5.01 -11.77 -12.91
C ALA C 260 -4.23 -11.43 -11.65
N LYS C 261 -4.22 -10.13 -11.35
CA LYS C 261 -3.83 -9.50 -10.08
C LYS C 261 -2.32 -9.38 -9.93
N THR C 262 -1.57 -10.28 -10.55
CA THR C 262 -0.10 -10.21 -10.44
C THR C 262 0.56 -9.81 -11.73
N GLY C 263 -0.06 -10.05 -12.88
CA GLY C 263 0.73 -9.97 -14.14
C GLY C 263 1.46 -11.27 -14.42
N GLY C 264 1.92 -11.47 -15.66
CA GLY C 264 2.69 -12.70 -16.02
C GLY C 264 4.17 -12.40 -16.12
N TYR C 265 5.02 -13.41 -15.82
CA TYR C 265 6.48 -13.27 -15.78
C TYR C 265 7.11 -14.45 -16.54
N LEU C 266 8.17 -14.16 -17.31
CA LEU C 266 9.00 -15.22 -17.91
C LEU C 266 9.95 -15.79 -16.84
N VAL C 267 9.79 -17.06 -16.48
CA VAL C 267 10.70 -17.67 -15.53
C VAL C 267 11.22 -18.99 -16.15
N ASN C 268 12.54 -19.09 -16.35
CA ASN C 268 13.11 -20.32 -16.95
C ASN C 268 12.38 -20.86 -18.19
N GLY C 269 12.03 -19.97 -19.11
CA GLY C 269 11.41 -20.45 -20.34
C GLY C 269 9.89 -20.63 -20.31
N LYS C 270 9.27 -20.46 -19.16
CA LYS C 270 7.81 -20.55 -19.07
C LYS C 270 7.18 -19.24 -18.55
N THR C 271 5.89 -19.05 -18.79
CA THR C 271 5.17 -17.89 -18.27
C THR C 271 4.25 -18.32 -17.11
N ARG C 272 4.35 -17.60 -16.00
CA ARG C 272 3.51 -17.84 -14.84
C ARG C 272 3.09 -16.53 -14.12
N LYS C 273 2.08 -16.64 -13.29
CA LYS C 273 1.77 -15.57 -12.40
C LYS C 273 2.58 -15.75 -11.13
N LEU C 274 2.49 -14.76 -10.24
CA LEU C 274 3.22 -14.84 -8.97
C LEU C 274 2.43 -15.67 -7.99
N HIS C 275 3.16 -16.29 -7.06
CA HIS C 275 2.63 -17.00 -5.88
C HIS C 275 2.23 -15.92 -4.87
N PRO C 276 1.20 -16.16 -4.01
CA PRO C 276 0.95 -15.22 -2.90
C PRO C 276 2.15 -14.81 -2.07
N ARG C 277 3.08 -15.75 -1.81
CA ARG C 277 4.26 -15.41 -1.05
C ARG C 277 5.16 -14.42 -1.81
N GLU C 278 5.22 -14.57 -3.14
CA GLU C 278 5.94 -13.61 -3.99
C GLU C 278 5.28 -12.23 -4.03
N CYS C 279 3.95 -12.22 -4.10
CA CYS C 279 3.18 -10.96 -3.89
C CYS C 279 3.49 -10.29 -2.55
N ALA C 280 3.55 -11.08 -1.46
CA ALA C 280 3.93 -10.60 -0.09
C ALA C 280 5.27 -9.87 -0.15
N ARG C 281 6.22 -10.54 -0.82
CA ARG C 281 7.58 -10.01 -0.98
C ARG C 281 7.64 -8.71 -1.81
N VAL C 282 6.92 -8.69 -2.91
CA VAL C 282 6.81 -7.52 -3.78
C VAL C 282 6.10 -6.31 -3.10
N MET C 283 5.29 -6.56 -2.08
CA MET C 283 4.75 -5.55 -1.17
C MET C 283 5.59 -5.30 0.06
N GLY C 284 6.74 -5.96 0.16
CA GLY C 284 7.68 -5.74 1.30
C GLY C 284 7.28 -6.39 2.64
N TYR C 285 6.33 -7.34 2.57
CA TYR C 285 5.93 -8.13 3.75
C TYR C 285 7.02 -9.17 4.11
N PRO C 286 7.28 -9.32 5.42
CA PRO C 286 8.31 -10.26 5.84
C PRO C 286 7.78 -11.69 5.61
N ASP C 287 8.69 -12.61 5.41
CA ASP C 287 8.32 -14.02 5.21
C ASP C 287 7.57 -14.60 6.45
N SER C 288 7.76 -13.97 7.60
CA SER C 288 7.03 -14.40 8.83
C SER C 288 5.53 -14.06 8.79
N TYR C 289 5.13 -13.15 7.89
CA TYR C 289 3.72 -12.80 7.75
C TYR C 289 2.96 -14.02 7.22
N LYS C 290 1.84 -14.33 7.86
CA LYS C 290 1.03 -15.52 7.54
C LYS C 290 -0.08 -15.22 6.51
N VAL C 291 -0.01 -15.84 5.33
CA VAL C 291 -0.96 -15.51 4.26
C VAL C 291 -2.32 -16.20 4.42
N HIS C 292 -3.39 -15.56 3.97
CA HIS C 292 -4.72 -16.13 4.12
C HIS C 292 -4.80 -17.48 3.42
N PRO C 293 -5.47 -18.49 4.04
CA PRO C 293 -5.62 -19.83 3.41
C PRO C 293 -6.36 -19.85 2.09
N SER C 294 -7.19 -18.85 1.82
CA SER C 294 -7.74 -18.69 0.47
C SER C 294 -6.71 -17.96 -0.40
N THR C 295 -6.17 -18.66 -1.40
CA THR C 295 -5.20 -18.04 -2.32
C THR C 295 -5.90 -16.92 -3.06
N SER C 296 -7.17 -17.13 -3.42
CA SER C 296 -7.97 -16.10 -4.04
C SER C 296 -8.08 -14.79 -3.19
N GLN C 297 -8.35 -14.95 -1.89
CA GLN C 297 -8.41 -13.78 -1.01
C GLN C 297 -7.02 -13.18 -0.73
N ALA C 298 -6.00 -14.01 -0.57
CA ALA C 298 -4.61 -13.58 -0.48
C ALA C 298 -4.19 -12.62 -1.65
N TYR C 299 -4.47 -13.02 -2.90
CA TYR C 299 -4.08 -12.14 -4.04
C TYR C 299 -4.82 -10.81 -3.96
N LYS C 300 -6.11 -10.86 -3.61
CA LYS C 300 -6.93 -9.67 -3.41
C LYS C 300 -6.35 -8.76 -2.32
N GLN C 301 -6.00 -9.37 -1.20
CA GLN C 301 -5.48 -8.64 -0.06
C GLN C 301 -4.14 -7.96 -0.35
N PHE C 302 -3.17 -8.70 -0.93
CA PHE C 302 -1.88 -8.03 -1.23
C PHE C 302 -2.06 -6.94 -2.31
N GLY C 303 -2.95 -7.18 -3.27
CA GLY C 303 -3.22 -6.19 -4.34
C GLY C 303 -3.85 -4.90 -3.79
N ASN C 304 -4.56 -4.99 -2.69
CA ASN C 304 -5.16 -3.82 -2.00
C ASN C 304 -4.22 -3.17 -1.00
N SER C 305 -3.08 -3.78 -0.71
CA SER C 305 -2.30 -3.35 0.46
C SER C 305 -1.31 -2.19 0.13
N VAL C 306 -0.39 -1.93 1.06
CA VAL C 306 0.61 -0.87 0.98
C VAL C 306 2.00 -1.47 0.94
N VAL C 307 2.98 -0.75 0.35
CA VAL C 307 4.35 -1.27 0.38
C VAL C 307 5.01 -0.90 1.73
N ILE C 308 5.28 -1.93 2.55
CA ILE C 308 5.72 -1.70 3.94
C ILE C 308 6.94 -0.78 4.01
N ASN C 309 7.96 -1.06 3.17
CA ASN C 309 9.23 -0.28 3.23
C ASN C 309 8.98 1.22 3.09
N VAL C 310 8.11 1.63 2.14
CA VAL C 310 7.82 3.05 1.94
C VAL C 310 7.21 3.66 3.21
N LEU C 311 6.22 2.96 3.81
CA LEU C 311 5.62 3.45 5.06
C LEU C 311 6.61 3.53 6.18
N GLN C 312 7.59 2.62 6.19
CA GLN C 312 8.63 2.63 7.24
C GLN C 312 9.50 3.90 7.18
N TYR C 313 9.98 4.25 5.98
CA TYR C 313 10.73 5.49 5.76
C TYR C 313 9.91 6.74 6.12
N ILE C 314 8.66 6.78 5.71
CA ILE C 314 7.79 7.92 6.10
C ILE C 314 7.54 7.97 7.60
N ALA C 315 7.21 6.84 8.20
CA ALA C 315 6.94 6.81 9.63
C ALA C 315 8.17 7.30 10.41
N TYR C 316 9.34 6.86 9.97
CA TYR C 316 10.58 7.25 10.62
C TYR C 316 10.79 8.77 10.52
N ASN C 317 10.44 9.34 9.38
CA ASN C 317 10.51 10.78 9.21
C ASN C 317 9.47 11.61 10.00
N ILE C 318 8.27 11.07 10.12
CA ILE C 318 7.27 11.64 11.03
C ILE C 318 7.81 11.65 12.45
N GLY C 319 8.37 10.53 12.88
CA GLY C 319 8.98 10.43 14.23
C GLY C 319 10.13 11.40 14.40
N SER C 320 10.98 11.52 13.38
CA SER C 320 12.13 12.44 13.42
C SER C 320 11.61 13.88 13.66
N SER C 321 10.60 14.29 12.91
CA SER C 321 10.01 15.62 13.05
C SER C 321 9.37 15.85 14.43
N LEU C 322 8.59 14.87 14.92
CA LEU C 322 7.93 15.01 16.25
C LEU C 322 8.95 15.18 17.39
N ASN C 323 10.08 14.48 17.28
CA ASN C 323 11.10 14.43 18.32
C ASN C 323 12.04 15.62 18.31
N PHE C 324 12.03 16.41 17.24
CA PHE C 324 12.89 17.62 17.18
C PHE C 324 12.25 18.81 17.88
N LYS C 325 12.66 19.03 19.12
CA LYS C 325 12.03 20.00 19.97
C LYS C 325 13.07 20.79 20.72
N PRO C 326 13.83 21.65 20.03
CA PRO C 326 14.89 22.35 20.74
C PRO C 326 14.32 23.40 21.71
N TYR C 327 15.12 23.83 22.67
CA TYR C 327 14.79 25.00 23.47
C TYR C 327 14.93 26.27 22.66
N SAM D . -3.42 -0.29 3.66
CA SAM D . -4.04 -1.64 3.65
C SAM D . -2.97 -2.74 3.71
O SAM D . -1.86 -2.55 4.39
OXT SAM D . -3.32 -3.93 3.30
CB SAM D . -4.91 -1.82 2.39
CG SAM D . -6.10 -0.86 2.30
SD SAM D . -7.21 -1.11 0.87
CE SAM D . -7.46 -0.60 -0.61
C5' SAM D . -8.79 -0.56 1.53
C4' SAM D . -9.51 -1.46 2.59
O4' SAM D . -10.66 -0.78 3.10
C3' SAM D . -10.06 -2.80 1.99
O3' SAM D . -9.39 -3.82 2.72
C2' SAM D . -11.56 -2.70 2.20
O2' SAM D . -12.15 -3.99 2.53
C1' SAM D . -11.67 -1.74 3.36
N9 SAM D . -13.05 -1.04 3.46
C8 SAM D . -13.79 -0.44 2.46
N7 SAM D . -14.89 0.15 2.87
C5 SAM D . -14.90 -0.06 4.24
C6 SAM D . -15.82 0.34 5.24
N6 SAM D . -16.88 1.10 4.96
N1 SAM D . -15.58 0.02 6.55
C2 SAM D . -14.42 -0.69 6.79
N3 SAM D . -13.46 -1.14 5.93
C4 SAM D . -13.78 -0.78 4.64
#